data_6EHN
#
_entry.id   6EHN
#
_cell.length_a   110.212
_cell.length_b   110.212
_cell.length_c   78.666
_cell.angle_alpha   90.000
_cell.angle_beta   90.000
_cell.angle_gamma   120.000
#
_symmetry.space_group_name_H-M   'P 32 2 1'
#
loop_
_entity.id
_entity.type
_entity.pdbx_description
1 polymer 'Carbohydrate esterase MZ0003'
2 non-polymer GLYCEROL
3 water water
#
_entity_poly.entity_id   1
_entity_poly.type   'polypeptide(L)'
_entity_poly.pdbx_seq_one_letter_code
;GFNYDEAQVPKYTLPDPLVMVDGTKVTSAKQWNDKRRDEVQQLFEAYMYGKVPDGETELIFTDAKGERALGGAAIRKQVK
ISFGEKEDAPAMDLLIYLPADAKVRVPVFLGLNFHGNHTIHKDKEIWLTESWVRTNKKFGITKNKANELSRGVAAGRWQI
EKAIAKGYGVATIYCGDIDPDFNFPSNGIQAYYYKKDQTIPEKGQWGTIAAWAFGLSCAMDYFETDTDIDHKKVAVLGHS
RLGKTSLWAGAIDTRFALTISNCSGCGGAALSRRRFGETVRRINTSFPHWFCSRFHQYNDKEDKLPIDQHMLIALCAPRP
VLINSATEDKWADPHGEFLAAQGADAVYRMLGTGGLDAKKWPEPNKLVKSTIGYHLRPGKHDVTARDWDVYIEFADHHM
;
_entity_poly.pdbx_strand_id   A
#
loop_
_chem_comp.id
_chem_comp.type
_chem_comp.name
_chem_comp.formula
GOL non-polymer GLYCEROL 'C3 H8 O3'
#
# COMPACT_ATOMS: atom_id res chain seq x y z
N GLY A 1 -5.98 25.03 -13.07
CA GLY A 1 -6.29 24.56 -11.67
C GLY A 1 -6.90 23.15 -11.53
N PHE A 2 -7.16 22.70 -10.31
CA PHE A 2 -7.61 21.35 -10.14
C PHE A 2 -9.13 21.26 -10.41
N ASN A 3 -9.53 20.12 -10.93
CA ASN A 3 -10.91 19.84 -11.32
C ASN A 3 -11.54 18.78 -10.38
N TYR A 4 -12.75 19.09 -9.91
CA TYR A 4 -13.58 18.22 -9.11
C TYR A 4 -14.95 17.97 -9.77
N ASP A 5 -15.07 18.38 -11.03
CA ASP A 5 -16.30 18.20 -11.83
C ASP A 5 -16.19 17.08 -12.84
N GLU A 6 -17.04 16.07 -12.64
CA GLU A 6 -17.00 14.89 -13.50
C GLU A 6 -17.19 15.28 -14.95
N ALA A 7 -18.03 16.30 -15.19
CA ALA A 7 -18.31 16.75 -16.55
C ALA A 7 -17.11 17.34 -17.26
N GLN A 8 -16.07 17.77 -16.54
CA GLN A 8 -14.86 18.36 -17.17
C GLN A 8 -13.71 17.40 -17.33
N VAL A 9 -13.94 16.14 -17.00
CA VAL A 9 -12.91 15.12 -17.12
C VAL A 9 -12.61 14.99 -18.62
N PRO A 10 -11.33 14.98 -19.03
CA PRO A 10 -11.01 14.84 -20.46
C PRO A 10 -11.33 13.45 -20.99
N LYS A 11 -11.44 13.38 -22.31
CA LYS A 11 -11.53 12.12 -23.02
C LYS A 11 -10.12 11.49 -23.04
N TYR A 12 -10.00 10.16 -22.91
CA TYR A 12 -8.73 9.50 -22.99
C TYR A 12 -8.90 8.07 -23.47
N THR A 13 -7.80 7.47 -23.76
CA THR A 13 -7.70 6.10 -24.14
C THR A 13 -6.71 5.46 -23.19
N LEU A 14 -7.09 4.35 -22.61
CA LEU A 14 -6.21 3.58 -21.75
C LEU A 14 -5.37 2.57 -22.54
N PRO A 15 -4.10 2.43 -22.24
CA PRO A 15 -3.42 1.21 -22.73
C PRO A 15 -4.13 -0.09 -22.28
N ASP A 16 -3.96 -1.12 -23.08
CA ASP A 16 -4.70 -2.33 -22.90
C ASP A 16 -3.80 -3.34 -22.18
N PRO A 17 -4.23 -3.79 -21.01
CA PRO A 17 -3.48 -4.81 -20.33
C PRO A 17 -3.34 -6.02 -21.22
N LEU A 18 -4.37 -6.28 -22.03
CA LEU A 18 -4.33 -7.50 -22.88
C LEU A 18 -3.72 -7.33 -24.28
N VAL A 19 -2.92 -6.29 -24.49
CA VAL A 19 -2.13 -6.13 -25.70
C VAL A 19 -0.65 -6.00 -25.29
N MET A 20 0.20 -6.89 -25.78
CA MET A 20 1.65 -6.85 -25.55
C MET A 20 2.21 -5.51 -26.02
N VAL A 21 3.36 -5.08 -25.49
CA VAL A 21 3.91 -3.78 -26.00
C VAL A 21 4.14 -3.86 -27.54
N ASP A 22 4.64 -5.00 -28.03
CA ASP A 22 4.81 -5.23 -29.47
C ASP A 22 3.53 -5.26 -30.33
N GLY A 23 2.33 -5.30 -29.72
CA GLY A 23 1.02 -5.23 -30.41
C GLY A 23 0.30 -6.57 -30.49
N THR A 24 0.98 -7.67 -30.13
CA THR A 24 0.35 -9.00 -30.05
C THR A 24 -0.77 -8.99 -29.02
N LYS A 25 -1.89 -9.58 -29.39
CA LYS A 25 -3.04 -9.78 -28.51
C LYS A 25 -2.66 -10.81 -27.46
N VAL A 26 -3.11 -10.60 -26.22
CA VAL A 26 -2.93 -11.58 -25.15
C VAL A 26 -4.25 -12.35 -25.12
N THR A 27 -4.20 -13.65 -25.41
CA THR A 27 -5.42 -14.46 -25.61
C THR A 27 -5.57 -15.59 -24.62
N SER A 28 -4.57 -15.84 -23.75
CA SER A 28 -4.70 -16.91 -22.77
C SER A 28 -4.17 -16.48 -21.43
N ALA A 29 -4.58 -17.19 -20.39
CA ALA A 29 -3.95 -17.07 -19.08
C ALA A 29 -2.45 -17.31 -19.17
N LYS A 30 -2.04 -18.38 -19.87
CA LYS A 30 -0.63 -18.75 -20.00
C LYS A 30 0.20 -17.58 -20.48
N GLN A 31 -0.32 -16.88 -21.46
CA GLN A 31 0.38 -15.77 -22.08
C GLN A 31 0.55 -14.55 -21.12
N TRP A 32 -0.47 -14.30 -20.33
CA TRP A 32 -0.43 -13.29 -19.29
C TRP A 32 0.63 -13.72 -18.30
N ASN A 33 0.47 -14.89 -17.71
CA ASN A 33 1.40 -15.37 -16.70
C ASN A 33 2.82 -15.50 -17.22
N ASP A 34 3.02 -15.98 -18.44
CA ASP A 34 4.39 -16.21 -18.95
C ASP A 34 5.07 -14.94 -19.50
N LYS A 35 4.33 -14.01 -20.12
CA LYS A 35 4.92 -12.87 -20.83
C LYS A 35 4.40 -11.48 -20.37
N ARG A 36 3.09 -11.28 -20.39
CA ARG A 36 2.59 -9.93 -20.26
C ARG A 36 2.73 -9.36 -18.83
N ARG A 37 2.42 -10.16 -17.81
CA ARG A 37 2.44 -9.72 -16.43
C ARG A 37 3.79 -9.07 -16.11
N ASP A 38 4.89 -9.80 -16.40
CA ASP A 38 6.24 -9.30 -16.11
C ASP A 38 6.54 -8.07 -16.89
N GLU A 39 6.06 -8.01 -18.13
CA GLU A 39 6.24 -6.82 -18.97
C GLU A 39 5.55 -5.56 -18.38
N VAL A 40 4.34 -5.73 -17.88
CA VAL A 40 3.60 -4.68 -17.24
C VAL A 40 4.34 -4.26 -15.93
N GLN A 41 4.76 -5.24 -15.14
CA GLN A 41 5.50 -4.88 -13.89
C GLN A 41 6.80 -4.07 -14.24
N GLN A 42 7.56 -4.50 -15.26
CA GLN A 42 8.75 -3.77 -15.74
C GLN A 42 8.45 -2.34 -16.24
N LEU A 43 7.30 -2.10 -16.87
CA LEU A 43 6.85 -0.72 -17.20
C LEU A 43 6.59 0.14 -15.93
N PHE A 44 5.90 -0.41 -14.95
CA PHE A 44 5.69 0.27 -13.69
C PHE A 44 7.04 0.61 -12.99
N GLU A 45 7.95 -0.34 -12.95
CA GLU A 45 9.29 -0.11 -12.37
C GLU A 45 10.03 1.01 -13.07
N ALA A 46 10.10 0.94 -14.38
CA ALA A 46 10.89 1.86 -15.13
C ALA A 46 10.25 3.23 -15.22
N TYR A 47 8.91 3.31 -15.32
CA TYR A 47 8.25 4.62 -15.48
C TYR A 47 7.65 5.29 -14.23
N MET A 48 7.42 4.53 -13.17
CA MET A 48 6.60 5.03 -12.11
C MET A 48 7.19 4.82 -10.73
N TYR A 49 7.38 3.59 -10.30
CA TYR A 49 7.72 3.35 -8.90
C TYR A 49 9.22 3.13 -8.66
N GLY A 50 9.91 2.70 -9.70
CA GLY A 50 11.32 2.30 -9.57
C GLY A 50 11.43 0.84 -9.18
N LYS A 51 12.64 0.29 -9.35
CA LYS A 51 12.96 -1.14 -9.14
C LYS A 51 13.73 -1.26 -7.81
N VAL A 52 13.44 -2.29 -7.03
CA VAL A 52 14.20 -2.69 -5.85
C VAL A 52 15.59 -3.14 -6.33
N PRO A 53 16.66 -2.65 -5.69
CA PRO A 53 18.01 -3.03 -6.25
C PRO A 53 18.32 -4.48 -5.94
N ASP A 54 19.19 -5.06 -6.76
CA ASP A 54 19.50 -6.49 -6.68
C ASP A 54 20.46 -6.68 -5.54
N GLY A 55 20.72 -7.94 -5.24
CA GLY A 55 21.75 -8.28 -4.26
C GLY A 55 21.14 -8.41 -2.90
N GLU A 56 21.69 -9.35 -2.15
CA GLU A 56 20.93 -10.03 -1.12
C GLU A 56 20.60 -9.16 0.09
N THR A 57 19.53 -9.55 0.75
CA THR A 57 18.95 -8.82 1.87
C THR A 57 19.11 -9.77 3.07
N GLU A 58 19.73 -9.27 4.13
CA GLU A 58 20.29 -10.09 5.20
C GLU A 58 19.53 -9.67 6.42
N LEU A 59 18.29 -10.12 6.49
CA LEU A 59 17.40 -9.77 7.58
C LEU A 59 17.76 -10.50 8.84
N ILE A 60 17.69 -9.81 9.97
CA ILE A 60 17.86 -10.39 11.28
C ILE A 60 16.66 -10.01 12.13
N PHE A 61 16.13 -11.01 12.85
CA PHE A 61 14.92 -10.87 13.60
C PHE A 61 15.24 -11.06 15.05
N THR A 62 14.71 -10.20 15.92
CA THR A 62 14.76 -10.46 17.35
C THR A 62 13.81 -11.60 17.75
N ASP A 63 14.15 -12.18 18.91
CA ASP A 63 13.34 -13.05 19.81
C ASP A 63 11.99 -13.57 19.38
N ALA A 64 11.04 -12.65 19.14
CA ALA A 64 9.64 -12.95 18.77
C ALA A 64 8.76 -13.43 19.93
N LYS A 65 8.98 -12.96 21.15
CA LYS A 65 8.39 -13.60 22.36
C LYS A 65 6.88 -13.88 22.33
N GLY A 66 6.01 -13.02 22.89
CA GLY A 66 4.58 -13.33 22.84
C GLY A 66 3.96 -13.16 24.20
N GLU A 67 3.29 -12.06 24.43
CA GLU A 67 2.87 -11.70 25.79
C GLU A 67 1.41 -11.46 25.76
N ARG A 68 0.69 -11.86 26.82
CA ARG A 68 -0.76 -11.65 26.87
C ARG A 68 -1.01 -10.17 26.79
N ALA A 69 -2.14 -9.77 26.20
CA ALA A 69 -2.42 -8.36 26.07
C ALA A 69 -3.87 -8.20 25.78
N LEU A 70 -4.36 -6.95 25.79
CA LEU A 70 -5.79 -6.57 25.64
C LEU A 70 -6.66 -7.41 26.59
N GLY A 71 -6.23 -7.40 27.85
CA GLY A 71 -6.37 -8.54 28.80
C GLY A 71 -7.33 -9.72 28.71
N GLY A 72 -6.91 -10.87 28.17
CA GLY A 72 -6.11 -11.00 26.97
C GLY A 72 -6.73 -12.14 26.16
N ALA A 73 -7.86 -11.96 25.47
CA ALA A 73 -8.05 -11.36 24.09
C ALA A 73 -6.92 -11.59 23.09
N ALA A 74 -5.70 -11.08 23.35
CA ALA A 74 -4.62 -11.20 22.39
C ALA A 74 -3.25 -11.61 22.95
N ILE A 75 -2.41 -12.09 22.07
CA ILE A 75 -0.99 -12.16 22.27
C ILE A 75 -0.43 -10.97 21.50
N ARG A 76 0.45 -10.21 22.13
CA ARG A 76 1.32 -9.25 21.44
C ARG A 76 2.74 -9.74 21.23
N LYS A 77 3.27 -9.55 20.02
CA LYS A 77 4.69 -9.68 19.72
C LYS A 77 5.24 -8.37 19.17
N GLN A 78 6.48 -8.03 19.58
CA GLN A 78 7.28 -6.99 18.90
C GLN A 78 8.59 -7.53 18.45
N VAL A 79 8.81 -7.38 17.16
CA VAL A 79 9.99 -7.88 16.55
C VAL A 79 10.74 -6.74 15.91
N LYS A 80 12.04 -6.72 16.15
CA LYS A 80 12.90 -5.77 15.48
C LYS A 80 13.50 -6.48 14.32
N ILE A 81 13.31 -5.92 13.14
CA ILE A 81 13.83 -6.49 11.94
C ILE A 81 14.92 -5.58 11.43
N SER A 82 16.17 -6.07 11.44
CA SER A 82 17.33 -5.29 11.01
C SER A 82 17.83 -5.73 9.63
N PHE A 83 18.36 -4.80 8.88
CA PHE A 83 18.92 -5.06 7.58
C PHE A 83 20.44 -5.18 7.76
N GLY A 84 20.90 -6.38 7.99
CA GLY A 84 22.32 -6.60 8.25
C GLY A 84 22.72 -6.45 9.72
N GLU A 85 23.98 -6.82 9.94
CA GLU A 85 24.58 -7.11 11.24
C GLU A 85 25.25 -5.88 11.86
N LYS A 86 25.68 -4.91 11.04
CA LYS A 86 26.42 -3.72 11.51
C LYS A 86 25.64 -2.74 12.37
N GLU A 87 26.36 -1.76 12.92
CA GLU A 87 25.80 -0.50 13.46
C GLU A 87 25.57 0.50 12.29
N ASP A 88 24.57 1.35 12.38
CA ASP A 88 23.18 0.95 12.52
C ASP A 88 22.90 0.81 10.99
N ALA A 89 22.89 -0.39 10.42
CA ALA A 89 21.74 -1.32 10.44
C ALA A 89 20.46 -0.51 10.43
N PRO A 90 19.94 -0.24 9.24
CA PRO A 90 18.51 0.10 9.23
C PRO A 90 17.76 -1.00 9.97
N ALA A 91 16.75 -0.60 10.70
CA ALA A 91 15.93 -1.48 11.44
C ALA A 91 14.50 -0.98 11.54
N MET A 92 13.55 -1.91 11.64
CA MET A 92 12.18 -1.51 11.84
C MET A 92 11.49 -2.36 12.83
N ASP A 93 10.60 -1.73 13.59
CA ASP A 93 9.82 -2.45 14.51
C ASP A 93 8.51 -2.98 13.94
N LEU A 94 8.26 -4.27 14.17
CA LEU A 94 6.97 -4.89 13.78
C LEU A 94 6.16 -5.22 14.99
N LEU A 95 5.00 -4.62 15.12
CA LEU A 95 4.09 -4.85 16.18
C LEU A 95 2.98 -5.75 15.66
N ILE A 96 2.65 -6.79 16.42
CA ILE A 96 1.72 -7.85 16.01
C ILE A 96 0.83 -8.18 17.16
N TYR A 97 -0.46 -8.05 16.94
CA TYR A 97 -1.46 -8.60 17.80
C TYR A 97 -2.19 -9.79 17.11
N LEU A 98 -2.25 -10.91 17.81
CA LEU A 98 -2.90 -12.14 17.32
C LEU A 98 -3.98 -12.54 18.31
N PRO A 99 -5.08 -13.15 17.84
CA PRO A 99 -6.10 -13.63 18.79
C PRO A 99 -5.50 -14.78 19.67
N ALA A 100 -5.70 -14.72 20.97
CA ALA A 100 -5.23 -15.78 21.94
C ALA A 100 -5.85 -17.17 21.76
N LYS A 103 -6.21 -21.34 17.97
CA LYS A 103 -6.40 -22.76 17.55
C LYS A 103 -5.58 -23.18 16.30
N VAL A 104 -5.73 -22.46 15.18
CA VAL A 104 -4.91 -22.67 13.95
C VAL A 104 -4.09 -21.41 13.58
N ARG A 105 -3.06 -21.58 12.75
CA ARG A 105 -2.31 -20.45 12.18
C ARG A 105 -3.25 -19.28 11.82
N VAL A 106 -2.90 -18.08 12.31
CA VAL A 106 -3.80 -16.95 12.33
C VAL A 106 -3.68 -16.14 10.99
N PRO A 107 -4.83 -15.78 10.37
CA PRO A 107 -4.78 -14.89 9.20
C PRO A 107 -4.49 -13.49 9.74
N VAL A 108 -3.78 -12.66 8.99
CA VAL A 108 -3.36 -11.33 9.50
C VAL A 108 -3.53 -10.18 8.49
N PHE A 109 -3.94 -9.01 8.99
CA PHE A 109 -3.94 -7.75 8.20
C PHE A 109 -2.63 -7.03 8.54
N LEU A 110 -1.84 -6.65 7.53
CA LEU A 110 -0.54 -6.04 7.74
C LEU A 110 -0.56 -4.71 7.05
N GLY A 111 -0.11 -3.65 7.72
CA GLY A 111 0.08 -2.38 7.02
C GLY A 111 1.04 -1.42 7.70
N LEU A 112 1.51 -0.42 6.93
CA LEU A 112 2.37 0.68 7.47
C LEU A 112 1.56 1.70 8.17
N ASN A 113 2.10 2.31 9.26
CA ASN A 113 1.37 3.38 9.94
C ASN A 113 2.14 4.67 9.77
N PHE A 114 1.44 5.75 10.03
CA PHE A 114 1.91 7.11 9.75
C PHE A 114 2.73 7.80 10.87
N HIS A 115 2.51 7.39 12.12
CA HIS A 115 3.06 8.14 13.26
C HIS A 115 3.81 7.31 14.31
N GLY A 116 4.02 6.02 14.06
CA GLY A 116 4.70 5.13 15.02
C GLY A 116 3.77 4.03 15.53
N ASN A 117 4.33 2.86 15.73
CA ASN A 117 3.58 1.72 16.32
C ASN A 117 2.80 2.08 17.55
N HIS A 118 3.38 2.94 18.43
CA HIS A 118 2.73 3.27 19.74
C HIS A 118 1.47 4.06 19.59
N THR A 119 1.28 4.66 18.39
CA THR A 119 0.05 5.40 18.09
C THR A 119 -1.13 4.49 17.73
N ILE A 120 -0.90 3.25 17.42
CA ILE A 120 -2.03 2.40 16.95
C ILE A 120 -2.89 1.75 18.03
N HIS A 121 -2.42 1.79 19.27
CA HIS A 121 -3.15 1.29 20.43
C HIS A 121 -2.50 1.94 21.65
N LYS A 122 -3.29 2.16 22.71
N LYS A 122 -3.30 2.15 22.69
CA LYS A 122 -2.81 2.74 23.99
CA LYS A 122 -2.87 2.74 23.97
C LYS A 122 -1.77 1.90 24.72
C LYS A 122 -1.86 1.91 24.77
N ASP A 123 -1.82 0.60 24.52
CA ASP A 123 -0.90 -0.35 25.15
C ASP A 123 0.47 0.24 25.48
N LYS A 124 0.79 0.33 26.80
CA LYS A 124 2.00 0.97 27.29
C LYS A 124 3.27 0.19 26.93
N GLU A 125 3.10 -1.06 26.51
CA GLU A 125 4.26 -1.84 26.22
C GLU A 125 4.79 -1.60 24.84
N ILE A 126 4.04 -0.92 23.96
CA ILE A 126 4.58 -0.72 22.63
C ILE A 126 5.83 0.18 22.64
N TRP A 127 6.85 -0.24 21.93
CA TRP A 127 8.11 0.45 21.89
C TRP A 127 7.94 1.80 21.21
N LEU A 128 8.66 2.80 21.71
CA LEU A 128 8.61 4.10 21.06
C LEU A 128 9.63 4.19 20.02
N THR A 129 9.21 4.43 18.79
CA THR A 129 10.19 4.56 17.74
C THR A 129 11.22 5.73 18.01
N GLU A 130 12.45 5.50 17.60
CA GLU A 130 13.52 6.58 17.59
C GLU A 130 13.62 7.27 16.24
N SER A 131 12.78 6.85 15.25
CA SER A 131 12.91 7.51 13.92
C SER A 131 12.23 8.84 13.96
N TRP A 132 12.57 9.71 13.05
CA TRP A 132 11.88 10.99 12.90
C TRP A 132 10.39 10.77 12.63
N VAL A 133 9.56 11.58 13.28
CA VAL A 133 8.08 11.64 13.09
C VAL A 133 7.65 13.05 12.71
N ARG A 134 6.56 13.15 11.94
N ARG A 134 6.60 13.18 11.91
CA ARG A 134 5.98 14.44 11.47
CA ARG A 134 6.10 14.50 11.45
C ARG A 134 5.15 15.03 12.55
C ARG A 134 5.14 15.04 12.46
N THR A 135 5.07 16.35 12.59
CA THR A 135 4.05 17.00 13.39
C THR A 135 2.71 16.83 12.69
N ASN A 136 1.64 16.79 13.46
CA ASN A 136 0.28 16.52 12.95
C ASN A 136 -0.68 17.16 13.93
N LYS A 137 -1.46 18.16 13.47
CA LYS A 137 -2.39 18.93 14.34
C LYS A 137 -3.52 17.99 14.86
N LYS A 138 -4.12 17.20 13.96
CA LYS A 138 -5.28 16.34 14.38
C LYS A 138 -4.93 15.39 15.55
N PHE A 139 -3.71 14.86 15.57
CA PHE A 139 -3.31 13.89 16.55
C PHE A 139 -2.49 14.51 17.73
N GLY A 140 -2.37 15.83 17.76
CA GLY A 140 -1.61 16.63 18.76
C GLY A 140 -0.12 16.33 18.84
N ILE A 141 0.50 15.99 17.71
CA ILE A 141 1.92 15.65 17.62
C ILE A 141 2.66 16.91 17.26
N THR A 142 3.42 17.46 18.21
CA THR A 142 4.05 18.79 18.04
C THR A 142 5.58 18.74 17.91
N LYS A 143 6.20 17.58 18.09
CA LYS A 143 7.64 17.43 17.99
C LYS A 143 7.99 16.31 17.07
N ASN A 144 9.18 16.36 16.54
CA ASN A 144 9.64 15.33 15.62
C ASN A 144 10.28 14.13 16.27
N LYS A 145 10.32 14.10 17.60
CA LYS A 145 10.80 12.90 18.31
C LYS A 145 9.60 12.34 19.01
N ALA A 146 9.34 11.06 18.80
CA ALA A 146 8.19 10.39 19.34
C ALA A 146 8.29 10.30 20.85
N ASN A 147 7.14 10.42 21.51
CA ASN A 147 7.09 10.24 22.93
C ASN A 147 5.76 9.65 23.32
N GLU A 148 5.65 9.32 24.59
CA GLU A 148 4.50 8.55 25.05
C GLU A 148 3.21 9.30 25.10
N LEU A 149 3.25 10.59 24.86
CA LEU A 149 2.05 11.40 25.01
C LEU A 149 1.03 11.06 23.91
N SER A 150 1.53 10.53 22.84
CA SER A 150 0.68 10.16 21.67
C SER A 150 0.30 8.68 21.61
N ARG A 151 0.49 7.93 22.72
CA ARG A 151 0.10 6.52 22.70
C ARG A 151 -1.38 6.41 22.32
N GLY A 152 -1.70 5.50 21.41
CA GLY A 152 -3.11 5.29 21.12
C GLY A 152 -3.82 6.33 20.28
N VAL A 153 -3.15 7.41 19.86
CA VAL A 153 -3.95 8.50 19.22
C VAL A 153 -4.51 8.12 17.84
N ALA A 154 -3.84 7.22 17.16
CA ALA A 154 -4.34 6.77 15.80
C ALA A 154 -5.11 5.43 15.88
N ALA A 155 -5.57 5.05 17.08
CA ALA A 155 -6.21 3.70 17.28
C ALA A 155 -7.46 3.48 16.38
N GLY A 156 -8.15 4.56 16.05
CA GLY A 156 -9.32 4.52 15.14
C GLY A 156 -9.01 3.90 13.79
N ARG A 157 -7.77 4.00 13.36
CA ARG A 157 -7.36 3.55 12.06
C ARG A 157 -6.95 2.07 12.08
N TRP A 158 -6.86 1.50 13.30
CA TRP A 158 -6.37 0.15 13.53
C TRP A 158 -7.31 -0.49 14.54
N GLN A 159 -8.30 -1.14 14.05
CA GLN A 159 -9.46 -1.52 14.89
C GLN A 159 -9.07 -2.87 15.45
N ILE A 160 -8.08 -2.92 16.36
CA ILE A 160 -7.48 -4.21 16.76
C ILE A 160 -8.52 -5.10 17.41
N GLU A 161 -9.30 -4.54 18.29
CA GLU A 161 -10.24 -5.31 19.12
C GLU A 161 -11.27 -5.91 18.16
N LYS A 162 -11.69 -5.12 17.18
CA LYS A 162 -12.62 -5.58 16.15
C LYS A 162 -12.04 -6.70 15.31
N ALA A 163 -10.78 -6.54 14.86
CA ALA A 163 -10.16 -7.59 14.05
C ALA A 163 -9.99 -8.90 14.83
N ILE A 164 -9.57 -8.73 16.08
CA ILE A 164 -9.26 -9.88 16.91
C ILE A 164 -10.53 -10.70 17.17
N ALA A 165 -11.60 -10.03 17.56
CA ALA A 165 -12.90 -10.66 17.76
C ALA A 165 -13.36 -11.43 16.53
N LYS A 166 -12.92 -11.02 15.34
CA LYS A 166 -13.28 -11.72 14.10
C LYS A 166 -12.25 -12.74 13.67
N GLY A 167 -11.24 -13.02 14.49
CA GLY A 167 -10.31 -14.10 14.15
C GLY A 167 -9.09 -13.70 13.35
N TYR A 168 -8.88 -12.38 13.17
CA TYR A 168 -7.69 -11.89 12.49
C TYR A 168 -6.69 -11.26 13.48
N GLY A 169 -5.42 -11.43 13.19
CA GLY A 169 -4.36 -10.65 13.78
C GLY A 169 -4.16 -9.35 12.99
N VAL A 170 -3.52 -8.37 13.63
CA VAL A 170 -3.11 -7.11 12.97
C VAL A 170 -1.63 -6.89 13.22
N ALA A 171 -0.92 -6.50 12.19
CA ALA A 171 0.49 -6.22 12.26
C ALA A 171 0.78 -4.90 11.61
N THR A 172 1.79 -4.22 12.14
CA THR A 172 2.12 -2.84 11.67
C THR A 172 3.61 -2.47 11.89
N ILE A 173 4.10 -1.60 11.01
CA ILE A 173 5.44 -1.01 11.02
C ILE A 173 5.24 0.49 10.70
N TYR A 174 6.00 1.35 11.40
CA TYR A 174 6.02 2.78 11.10
C TYR A 174 6.78 2.99 9.83
N CYS A 175 6.13 3.64 8.85
CA CYS A 175 6.75 3.83 7.57
C CYS A 175 8.13 4.51 7.67
N GLY A 176 8.26 5.42 8.61
CA GLY A 176 9.53 6.20 8.80
C GLY A 176 10.72 5.37 9.32
N ASP A 177 10.52 4.18 9.87
CA ASP A 177 11.68 3.30 10.11
C ASP A 177 12.30 2.85 8.83
N ILE A 178 11.52 2.84 7.74
CA ILE A 178 12.01 2.38 6.43
C ILE A 178 12.61 3.53 5.63
N ASP A 179 11.95 4.66 5.61
N ASP A 179 11.85 4.64 5.52
CA ASP A 179 12.48 5.84 4.96
CA ASP A 179 12.19 5.89 4.77
C ASP A 179 11.52 6.93 5.41
C ASP A 179 11.38 6.96 5.50
N PRO A 180 12.05 8.02 6.01
CA PRO A 180 11.29 9.00 6.78
C PRO A 180 10.28 9.87 6.03
N ASP A 181 10.43 10.11 4.73
CA ASP A 181 9.36 10.98 4.10
C ASP A 181 9.27 12.38 4.76
N PHE A 182 10.43 12.97 4.94
CA PHE A 182 10.52 14.29 5.50
C PHE A 182 9.61 15.29 4.78
N ASN A 183 9.06 16.20 5.54
CA ASN A 183 8.28 17.31 4.94
C ASN A 183 9.13 18.54 4.70
N PHE A 184 10.38 18.34 4.30
CA PHE A 184 11.28 19.43 3.95
C PHE A 184 12.24 18.82 2.99
N PRO A 185 12.88 19.65 2.16
CA PRO A 185 13.77 19.17 1.13
C PRO A 185 15.11 18.85 1.72
N SER A 186 15.70 17.73 1.31
CA SER A 186 17.10 17.42 1.68
C SER A 186 17.83 16.69 0.57
N ASN A 187 18.49 17.43 -0.31
CA ASN A 187 19.38 16.88 -1.32
C ASN A 187 20.84 17.15 -0.94
N GLY A 188 21.34 16.31 -0.05
CA GLY A 188 22.74 16.38 0.38
C GLY A 188 23.66 15.86 -0.70
N ILE A 189 24.93 16.22 -0.59
CA ILE A 189 25.84 15.83 -1.61
C ILE A 189 26.19 14.37 -1.57
N GLN A 190 26.29 13.78 -0.39
CA GLN A 190 26.71 12.39 -0.33
C GLN A 190 25.74 11.53 -1.16
N ALA A 191 24.45 11.75 -0.95
CA ALA A 191 23.41 10.92 -1.62
C ALA A 191 23.43 11.21 -3.10
N TYR A 192 23.60 12.47 -3.50
CA TYR A 192 23.80 12.81 -4.94
C TYR A 192 24.89 11.93 -5.59
N TYR A 193 26.02 11.83 -4.93
CA TYR A 193 27.12 11.01 -5.44
C TYR A 193 26.85 9.49 -5.33
N TYR A 194 26.29 9.00 -4.24
CA TYR A 194 26.00 7.56 -4.16
C TYR A 194 25.08 7.02 -5.27
N LYS A 195 24.14 7.86 -5.68
CA LYS A 195 23.19 7.47 -6.73
C LYS A 195 23.78 7.34 -8.16
N LYS A 196 24.99 7.84 -8.40
CA LYS A 196 25.62 7.71 -9.72
C LYS A 196 26.29 6.35 -9.93
N ASP A 197 26.94 5.86 -8.88
CA ASP A 197 27.69 4.62 -8.95
C ASP A 197 26.69 3.49 -8.71
N GLN A 198 25.77 3.26 -9.66
CA GLN A 198 24.69 2.30 -9.46
C GLN A 198 24.35 1.54 -10.73
N THR A 199 24.05 0.24 -10.59
CA THR A 199 23.74 -0.59 -11.76
C THR A 199 22.45 -0.04 -12.41
N ILE A 200 21.38 0.11 -11.62
CA ILE A 200 20.14 0.80 -12.09
C ILE A 200 20.44 2.29 -12.27
N PRO A 201 20.18 2.87 -13.47
CA PRO A 201 20.42 4.33 -13.60
C PRO A 201 19.47 5.15 -12.69
N GLU A 202 19.78 6.41 -12.40
CA GLU A 202 19.08 7.15 -11.34
C GLU A 202 17.55 7.18 -11.62
N LYS A 203 17.17 7.42 -12.87
CA LYS A 203 15.77 7.60 -13.33
C LYS A 203 14.86 6.41 -13.00
N GLY A 204 15.43 5.20 -12.98
CA GLY A 204 14.76 3.91 -12.70
C GLY A 204 14.91 3.39 -11.29
N GLN A 205 15.64 4.13 -10.43
CA GLN A 205 15.78 3.68 -9.03
C GLN A 205 14.50 3.93 -8.19
N TRP A 206 14.22 3.04 -7.24
CA TRP A 206 13.14 3.19 -6.27
C TRP A 206 13.08 4.61 -5.64
N GLY A 207 12.01 5.38 -5.45
CA GLY A 207 10.72 5.18 -4.93
C GLY A 207 10.89 5.30 -3.45
N THR A 208 10.51 6.37 -2.72
CA THR A 208 9.87 6.18 -1.40
C THR A 208 8.77 5.10 -1.30
N ILE A 209 7.77 5.21 -2.19
CA ILE A 209 6.69 4.25 -2.23
C ILE A 209 7.24 2.83 -2.41
N ALA A 210 8.18 2.67 -3.32
CA ALA A 210 8.78 1.35 -3.57
C ALA A 210 9.63 0.85 -2.39
N ALA A 211 10.33 1.77 -1.73
CA ALA A 211 11.06 1.46 -0.49
C ALA A 211 10.12 1.01 0.62
N TRP A 212 9.07 1.79 0.86
CA TRP A 212 8.03 1.36 1.80
C TRP A 212 7.42 -0.03 1.46
N ALA A 213 7.16 -0.26 0.19
CA ALA A 213 6.59 -1.58 -0.24
C ALA A 213 7.59 -2.74 0.01
N PHE A 214 8.88 -2.48 -0.18
CA PHE A 214 9.88 -3.45 0.13
C PHE A 214 9.88 -3.76 1.58
N GLY A 215 9.75 -2.73 2.42
CA GLY A 215 9.53 -2.95 3.84
C GLY A 215 8.45 -3.96 4.15
N LEU A 216 7.28 -3.80 3.53
CA LEU A 216 6.18 -4.76 3.76
C LEU A 216 6.56 -6.19 3.36
N SER A 217 7.24 -6.38 2.21
CA SER A 217 7.72 -7.72 1.80
C SER A 217 8.72 -8.30 2.82
N CYS A 218 9.56 -7.46 3.43
CA CYS A 218 10.49 -7.93 4.54
C CYS A 218 9.70 -8.43 5.75
N ALA A 219 8.55 -7.79 6.05
CA ALA A 219 7.65 -8.25 7.06
C ALA A 219 6.99 -9.63 6.72
N MET A 220 6.68 -9.86 5.43
CA MET A 220 6.23 -11.19 5.00
C MET A 220 7.35 -12.24 5.20
N ASP A 221 8.60 -11.88 4.94
CA ASP A 221 9.73 -12.77 5.23
C ASP A 221 9.72 -13.20 6.69
N TYR A 222 9.46 -12.29 7.62
CA TYR A 222 9.34 -12.64 9.03
C TYR A 222 8.17 -13.60 9.27
N PHE A 223 7.03 -13.31 8.65
CA PHE A 223 5.84 -14.09 8.89
C PHE A 223 6.03 -15.56 8.51
N GLU A 224 6.80 -15.78 7.47
CA GLU A 224 7.18 -17.09 7.05
C GLU A 224 7.88 -17.91 8.14
N THR A 225 8.66 -17.25 9.01
CA THR A 225 9.34 -17.91 10.14
C THR A 225 8.44 -18.10 11.37
N ASP A 226 7.27 -17.47 11.45
CA ASP A 226 6.48 -17.48 12.67
C ASP A 226 5.32 -18.48 12.54
N THR A 227 5.36 -19.57 13.31
CA THR A 227 4.35 -20.66 13.15
C THR A 227 3.02 -20.36 13.78
N ASP A 228 2.89 -19.26 14.50
CA ASP A 228 1.59 -18.83 14.94
C ASP A 228 0.80 -18.04 13.82
N ILE A 229 1.48 -17.64 12.76
CA ILE A 229 0.85 -16.82 11.68
C ILE A 229 0.73 -17.62 10.41
N ASP A 230 -0.45 -17.57 9.80
CA ASP A 230 -0.68 -18.16 8.47
C ASP A 230 -0.15 -17.17 7.39
N HIS A 231 1.06 -17.41 6.96
CA HIS A 231 1.72 -16.58 5.97
C HIS A 231 1.11 -16.69 4.56
N LYS A 232 0.22 -17.66 4.35
CA LYS A 232 -0.56 -17.81 3.13
C LYS A 232 -1.90 -17.07 3.19
N LYS A 233 -2.27 -16.51 4.34
CA LYS A 233 -3.43 -15.68 4.46
C LYS A 233 -3.08 -14.30 5.08
N VAL A 234 -2.19 -13.56 4.45
CA VAL A 234 -1.90 -12.20 4.87
C VAL A 234 -2.52 -11.22 3.88
N ALA A 235 -3.32 -10.31 4.40
CA ALA A 235 -3.86 -9.20 3.63
C ALA A 235 -3.01 -7.96 3.87
N VAL A 236 -2.43 -7.40 2.79
CA VAL A 236 -1.63 -6.16 2.91
C VAL A 236 -2.56 -4.98 2.71
N LEU A 237 -2.56 -4.00 3.65
CA LEU A 237 -3.42 -2.86 3.56
C LEU A 237 -2.65 -1.56 3.80
N GLY A 238 -3.31 -0.44 3.48
CA GLY A 238 -2.65 0.87 3.61
C GLY A 238 -3.54 1.99 3.28
N HIS A 239 -3.32 3.14 3.92
CA HIS A 239 -4.12 4.33 3.66
C HIS A 239 -3.33 5.43 2.96
N SER A 240 -3.98 6.11 1.99
CA SER A 240 -3.38 7.32 1.39
C SER A 240 -2.03 6.99 0.80
N ARG A 241 -0.92 7.74 1.10
CA ARG A 241 0.36 7.41 0.51
C ARG A 241 0.80 5.98 0.87
N LEU A 242 0.38 5.48 2.03
CA LEU A 242 0.70 4.10 2.44
C LEU A 242 -0.24 3.05 1.77
N GLY A 243 -1.28 3.52 1.08
CA GLY A 243 -2.15 2.68 0.23
C GLY A 243 -1.68 2.62 -1.20
N LYS A 244 -1.01 3.69 -1.68
CA LYS A 244 -0.23 3.58 -2.91
C LYS A 244 0.82 2.50 -2.75
N THR A 245 1.42 2.49 -1.57
CA THR A 245 2.40 1.45 -1.22
C THR A 245 1.80 0.05 -1.13
N SER A 246 0.72 -0.08 -0.41
CA SER A 246 0.11 -1.41 -0.17
C SER A 246 -0.32 -2.02 -1.51
N LEU A 247 -0.86 -1.17 -2.39
CA LEU A 247 -1.32 -1.62 -3.70
C LEU A 247 -0.14 -2.12 -4.49
N TRP A 248 0.98 -1.37 -4.53
CA TRP A 248 2.20 -1.82 -5.21
C TRP A 248 2.77 -3.08 -4.56
N ALA A 249 2.87 -3.10 -3.24
CA ALA A 249 3.46 -4.27 -2.56
C ALA A 249 2.68 -5.54 -2.86
N GLY A 250 1.36 -5.44 -2.71
CA GLY A 250 0.47 -6.57 -2.95
C GLY A 250 0.50 -7.01 -4.43
N ALA A 251 0.60 -6.04 -5.33
CA ALA A 251 0.77 -6.31 -6.75
C ALA A 251 2.01 -7.15 -7.06
N ILE A 252 3.18 -6.69 -6.62
CA ILE A 252 4.40 -7.30 -7.03
C ILE A 252 4.85 -8.45 -6.12
N ASP A 253 4.40 -8.53 -4.88
CA ASP A 253 4.80 -9.63 -4.02
C ASP A 253 3.61 -10.57 -3.95
N THR A 254 3.68 -11.61 -4.77
CA THR A 254 2.53 -12.52 -4.99
C THR A 254 2.25 -13.40 -3.80
N ARG A 255 3.09 -13.33 -2.74
CA ARG A 255 2.83 -14.06 -1.53
C ARG A 255 1.66 -13.48 -0.80
N PHE A 256 1.33 -12.18 -0.97
CA PHE A 256 0.23 -11.60 -0.21
C PHE A 256 -1.06 -12.21 -0.74
N ALA A 257 -1.95 -12.63 0.15
CA ALA A 257 -3.18 -13.33 -0.31
C ALA A 257 -4.21 -12.34 -0.86
N LEU A 258 -4.20 -11.12 -0.35
CA LEU A 258 -5.28 -10.17 -0.58
C LEU A 258 -4.61 -8.77 -0.43
N THR A 259 -5.04 -7.80 -1.22
CA THR A 259 -4.45 -6.44 -1.28
C THR A 259 -5.53 -5.46 -1.05
N ILE A 260 -5.30 -4.48 -0.15
CA ILE A 260 -6.33 -3.46 0.13
C ILE A 260 -5.75 -2.09 -0.05
N SER A 261 -6.43 -1.26 -0.82
CA SER A 261 -5.98 0.13 -1.03
C SER A 261 -7.04 0.98 -0.46
N ASN A 262 -6.72 1.81 0.56
CA ASN A 262 -7.68 2.71 1.17
C ASN A 262 -7.37 4.17 0.82
N CYS A 263 -8.25 4.81 0.08
CA CYS A 263 -8.11 6.19 -0.36
C CYS A 263 -6.77 6.56 -0.93
N SER A 264 -6.23 5.71 -1.79
CA SER A 264 -4.87 5.80 -2.29
C SER A 264 -4.72 6.84 -3.41
N GLY A 265 -5.80 7.17 -4.08
CA GLY A 265 -5.79 8.26 -5.08
C GLY A 265 -4.70 8.23 -6.14
N CYS A 266 -4.13 9.39 -6.39
CA CYS A 266 -3.20 9.63 -7.50
C CYS A 266 -1.91 8.86 -7.31
N GLY A 267 -1.52 8.17 -8.38
CA GLY A 267 -0.42 7.21 -8.34
C GLY A 267 -0.66 6.00 -7.45
N GLY A 268 -1.91 5.79 -7.06
CA GLY A 268 -2.36 4.57 -6.40
C GLY A 268 -3.46 3.97 -7.23
N ALA A 269 -4.66 4.01 -6.68
CA ALA A 269 -5.81 3.39 -7.39
C ALA A 269 -6.38 4.24 -8.55
N ALA A 270 -6.28 5.55 -8.44
CA ALA A 270 -6.95 6.45 -9.38
C ALA A 270 -6.31 6.47 -10.73
N LEU A 271 -7.12 6.47 -11.81
CA LEU A 271 -6.58 6.59 -13.17
C LEU A 271 -5.91 7.97 -13.36
N SER A 272 -4.64 7.91 -13.72
CA SER A 272 -3.91 9.13 -14.00
C SER A 272 -4.52 9.99 -15.12
N ARG A 273 -4.96 9.34 -16.19
CA ARG A 273 -5.52 10.09 -17.38
C ARG A 273 -6.73 10.92 -17.08
N ARG A 274 -7.48 10.61 -16.02
CA ARG A 274 -8.65 11.39 -15.68
C ARG A 274 -8.33 12.80 -15.24
N ARG A 275 -7.13 12.97 -14.68
CA ARG A 275 -6.65 14.29 -14.25
C ARG A 275 -7.61 14.97 -13.29
N PHE A 276 -8.30 14.16 -12.47
CA PHE A 276 -9.33 14.66 -11.53
C PHE A 276 -8.69 14.74 -10.13
N GLY A 277 -8.88 15.84 -9.44
CA GLY A 277 -8.22 16.10 -8.15
C GLY A 277 -6.75 16.19 -8.36
N GLU A 278 -6.00 15.44 -7.58
CA GLU A 278 -4.56 15.48 -7.67
C GLU A 278 -4.10 14.93 -9.00
N THR A 279 -3.13 15.60 -9.61
CA THR A 279 -2.56 15.19 -10.88
C THR A 279 -1.14 14.74 -10.66
N VAL A 280 -0.57 14.20 -11.73
CA VAL A 280 0.84 13.71 -11.72
C VAL A 280 1.83 14.85 -11.42
N ARG A 281 1.64 15.98 -12.08
CA ARG A 281 2.57 17.10 -11.86
C ARG A 281 2.50 17.53 -10.40
N ARG A 282 1.30 17.66 -9.87
CA ARG A 282 1.10 18.05 -8.51
C ARG A 282 1.75 17.07 -7.47
N ILE A 283 1.57 15.77 -7.64
CA ILE A 283 2.10 14.83 -6.69
C ILE A 283 3.66 14.82 -6.77
N ASN A 284 4.18 14.94 -7.97
CA ASN A 284 5.66 14.90 -8.14
C ASN A 284 6.27 16.20 -7.66
N THR A 285 5.52 17.33 -7.76
CA THR A 285 5.99 18.61 -7.26
C THR A 285 6.02 18.63 -5.73
N SER A 286 4.92 18.19 -5.12
CA SER A 286 4.84 18.13 -3.67
C SER A 286 5.75 17.06 -3.05
N PHE A 287 5.94 15.94 -3.73
CA PHE A 287 6.56 14.73 -3.18
C PHE A 287 7.55 14.16 -4.20
N PRO A 288 8.67 14.87 -4.43
CA PRO A 288 9.61 14.54 -5.53
C PRO A 288 10.31 13.21 -5.32
N HIS A 289 10.30 12.69 -4.10
CA HIS A 289 11.02 11.41 -3.86
C HIS A 289 10.09 10.21 -3.89
N TRP A 290 8.79 10.41 -3.92
CA TRP A 290 7.84 9.24 -3.82
C TRP A 290 7.93 8.26 -4.98
N PHE A 291 8.03 8.80 -6.18
CA PHE A 291 8.09 8.02 -7.42
C PHE A 291 9.49 7.99 -8.01
N CYS A 292 9.77 7.10 -8.97
CA CYS A 292 11.05 7.18 -9.67
C CYS A 292 11.11 8.46 -10.46
N SER A 293 12.33 8.95 -10.69
CA SER A 293 12.40 10.25 -11.33
C SER A 293 12.00 10.26 -12.76
N ARG A 294 12.00 9.11 -13.40
CA ARG A 294 11.42 9.01 -14.72
C ARG A 294 9.94 9.45 -14.76
N PHE A 295 9.20 9.20 -13.66
CA PHE A 295 7.76 9.57 -13.58
C PHE A 295 7.52 11.05 -13.69
N HIS A 296 8.48 11.82 -13.24
CA HIS A 296 8.49 13.28 -13.41
C HIS A 296 8.42 13.79 -14.81
N GLN A 297 8.87 13.01 -15.78
CA GLN A 297 8.74 13.40 -17.19
C GLN A 297 7.30 13.36 -17.67
N TYR A 298 6.38 12.75 -16.92
CA TYR A 298 5.01 12.70 -17.33
C TYR A 298 4.12 13.75 -16.66
N ASN A 299 4.71 14.69 -15.95
CA ASN A 299 3.96 15.87 -15.56
C ASN A 299 3.20 16.46 -16.76
N ASP A 300 1.89 16.71 -16.59
CA ASP A 300 0.97 17.22 -17.61
C ASP A 300 0.91 16.38 -18.89
N LYS A 301 1.40 15.15 -18.88
CA LYS A 301 1.48 14.32 -20.06
C LYS A 301 1.01 12.92 -19.66
N GLU A 302 -0.03 12.83 -18.86
CA GLU A 302 -0.55 11.52 -18.40
C GLU A 302 -0.96 10.62 -19.62
N ASP A 303 -1.40 11.25 -20.71
CA ASP A 303 -1.75 10.47 -21.90
C ASP A 303 -0.57 9.82 -22.66
N LYS A 304 0.67 10.15 -22.33
CA LYS A 304 1.85 9.50 -22.87
C LYS A 304 2.34 8.38 -21.94
N LEU A 305 1.82 8.27 -20.70
CA LEU A 305 2.24 7.14 -19.86
C LEU A 305 2.05 5.78 -20.60
N PRO A 306 3.02 4.89 -20.51
CA PRO A 306 2.89 3.53 -20.98
C PRO A 306 2.03 2.60 -20.12
N ILE A 307 1.62 3.08 -18.95
CA ILE A 307 0.72 2.36 -18.06
C ILE A 307 -0.41 3.28 -17.64
N ASP A 308 -1.44 2.72 -17.01
CA ASP A 308 -2.26 3.49 -16.08
C ASP A 308 -2.66 2.53 -14.99
N GLN A 309 -3.37 3.01 -13.99
CA GLN A 309 -3.46 2.26 -12.73
C GLN A 309 -4.38 1.05 -12.80
N HIS A 310 -5.27 0.94 -13.80
CA HIS A 310 -5.90 -0.39 -14.09
C HIS A 310 -4.90 -1.54 -14.29
N MET A 311 -3.76 -1.24 -14.93
CA MET A 311 -2.73 -2.25 -15.15
C MET A 311 -2.01 -2.63 -13.87
N LEU A 312 -2.05 -1.73 -12.88
CA LEU A 312 -1.47 -2.07 -11.54
C LEU A 312 -2.40 -3.03 -10.81
N ILE A 313 -3.68 -2.67 -10.76
CA ILE A 313 -4.64 -3.52 -10.18
C ILE A 313 -4.60 -4.94 -10.87
N ALA A 314 -4.45 -4.99 -12.21
CA ALA A 314 -4.35 -6.25 -12.94
C ALA A 314 -3.16 -7.10 -12.51
N LEU A 315 -2.08 -6.44 -12.06
CA LEU A 315 -0.95 -7.19 -11.50
C LEU A 315 -1.30 -8.07 -10.34
N CYS A 316 -2.34 -7.72 -9.57
CA CYS A 316 -2.73 -8.51 -8.46
C CYS A 316 -3.38 -9.82 -8.90
N ALA A 317 -3.83 -9.91 -10.14
CA ALA A 317 -4.65 -11.10 -10.59
C ALA A 317 -3.81 -12.40 -10.48
N PRO A 318 -4.41 -13.52 -10.03
CA PRO A 318 -5.82 -13.75 -9.79
C PRO A 318 -6.27 -13.35 -8.36
N ARG A 319 -5.42 -12.75 -7.53
CA ARG A 319 -5.62 -12.84 -6.08
C ARG A 319 -6.60 -11.60 -5.80
N PRO A 320 -7.44 -11.68 -4.79
CA PRO A 320 -8.40 -10.65 -4.50
C PRO A 320 -7.71 -9.32 -4.16
N VAL A 321 -8.34 -8.25 -4.59
CA VAL A 321 -7.90 -6.86 -4.38
C VAL A 321 -9.13 -6.04 -4.02
N LEU A 322 -9.08 -5.21 -2.98
CA LEU A 322 -10.15 -4.33 -2.60
C LEU A 322 -9.74 -2.88 -2.76
N ILE A 323 -10.56 -2.12 -3.49
CA ILE A 323 -10.34 -0.69 -3.63
C ILE A 323 -11.41 0.01 -2.80
N ASN A 324 -11.01 0.73 -1.73
CA ASN A 324 -11.91 1.47 -0.91
C ASN A 324 -11.65 2.95 -1.15
N SER A 325 -12.72 3.74 -1.32
CA SER A 325 -12.74 5.18 -1.62
C SER A 325 -13.57 5.81 -0.53
N ALA A 326 -13.41 7.11 -0.33
CA ALA A 326 -14.25 7.93 0.56
C ALA A 326 -14.94 9.02 -0.24
N THR A 327 -16.23 9.19 0.02
CA THR A 327 -17.11 10.06 -0.79
C THR A 327 -16.64 11.52 -0.85
N GLU A 328 -16.11 12.05 0.26
CA GLU A 328 -15.66 13.45 0.29
C GLU A 328 -14.24 13.61 -0.23
N ASP A 329 -13.55 12.50 -0.50
CA ASP A 329 -12.15 12.54 -0.85
C ASP A 329 -11.96 12.82 -2.38
N LYS A 330 -12.49 13.96 -2.84
CA LYS A 330 -12.36 14.36 -4.28
C LYS A 330 -10.91 14.48 -4.80
N TRP A 331 -10.00 14.79 -3.89
CA TRP A 331 -8.59 14.85 -4.20
C TRP A 331 -8.11 13.53 -4.74
N ALA A 332 -8.59 12.45 -4.16
CA ALA A 332 -8.20 11.13 -4.59
C ALA A 332 -8.87 10.60 -5.87
N ASP A 333 -9.89 11.28 -6.33
CA ASP A 333 -10.70 10.80 -7.48
C ASP A 333 -11.36 9.44 -7.25
N PRO A 334 -12.31 9.38 -6.37
CA PRO A 334 -13.02 8.11 -6.08
C PRO A 334 -13.64 7.40 -7.30
N HIS A 335 -14.24 8.17 -8.20
CA HIS A 335 -14.71 7.56 -9.45
C HIS A 335 -13.57 6.96 -10.27
N GLY A 336 -12.45 7.66 -10.33
CA GLY A 336 -11.26 7.11 -10.99
C GLY A 336 -10.65 5.90 -10.40
N GLU A 337 -10.73 5.79 -9.08
CA GLU A 337 -10.33 4.58 -8.37
C GLU A 337 -11.26 3.41 -8.79
N PHE A 338 -12.55 3.63 -8.82
CA PHE A 338 -13.49 2.60 -9.34
C PHE A 338 -13.18 2.22 -10.82
N LEU A 339 -12.90 3.23 -11.66
CA LEU A 339 -12.68 3.01 -13.08
C LEU A 339 -11.39 2.31 -13.31
N ALA A 340 -10.39 2.53 -12.44
CA ALA A 340 -9.20 1.68 -12.54
C ALA A 340 -9.48 0.21 -12.23
N ALA A 341 -10.28 -0.01 -11.18
CA ALA A 341 -10.63 -1.36 -10.81
C ALA A 341 -11.36 -2.00 -12.01
N GLN A 342 -12.25 -1.24 -12.62
CA GLN A 342 -13.00 -1.77 -13.81
C GLN A 342 -12.14 -2.14 -14.99
N GLY A 343 -11.06 -1.43 -15.16
CA GLY A 343 -10.18 -1.68 -16.23
C GLY A 343 -9.30 -2.90 -16.08
N ALA A 344 -9.22 -3.47 -14.88
CA ALA A 344 -8.56 -4.76 -14.64
C ALA A 344 -9.51 -5.94 -14.80
N ASP A 345 -10.81 -5.71 -14.92
CA ASP A 345 -11.80 -6.79 -14.94
C ASP A 345 -11.45 -7.86 -16.01
N ALA A 346 -11.00 -7.44 -17.20
CA ALA A 346 -10.83 -8.42 -18.30
C ALA A 346 -9.68 -9.35 -17.97
N VAL A 347 -8.59 -8.83 -17.39
CA VAL A 347 -7.47 -9.72 -17.01
C VAL A 347 -7.92 -10.74 -15.97
N TYR A 348 -8.67 -10.25 -14.96
CA TYR A 348 -9.12 -11.12 -13.88
C TYR A 348 -10.09 -12.22 -14.46
N ARG A 349 -10.89 -11.84 -15.46
CA ARG A 349 -11.74 -12.84 -16.16
C ARG A 349 -10.98 -13.82 -16.97
N MET A 350 -9.93 -13.35 -17.63
CA MET A 350 -9.00 -14.25 -18.32
C MET A 350 -8.35 -15.30 -17.39
N LEU A 351 -8.11 -14.92 -16.14
CA LEU A 351 -7.48 -15.81 -15.17
C LEU A 351 -8.56 -16.60 -14.42
N GLY A 352 -9.81 -16.52 -14.85
CA GLY A 352 -10.79 -17.46 -14.37
C GLY A 352 -11.57 -17.02 -13.15
N THR A 353 -11.46 -15.76 -12.71
CA THR A 353 -12.22 -15.30 -11.50
C THR A 353 -13.46 -14.46 -11.93
N GLY A 354 -14.24 -13.96 -10.97
CA GLY A 354 -15.36 -13.06 -11.23
C GLY A 354 -15.07 -11.58 -11.62
N GLY A 355 -13.82 -11.17 -11.56
CA GLY A 355 -13.48 -9.77 -11.85
C GLY A 355 -14.24 -8.84 -10.95
N LEU A 356 -14.73 -7.75 -11.51
CA LEU A 356 -15.47 -6.77 -10.82
C LEU A 356 -16.95 -6.90 -11.15
N ASP A 357 -17.75 -7.20 -10.15
CA ASP A 357 -19.17 -7.39 -10.33
C ASP A 357 -19.95 -6.09 -10.24
N ALA A 358 -19.69 -5.15 -11.13
CA ALA A 358 -20.32 -3.81 -11.08
C ALA A 358 -20.15 -3.22 -12.45
N LYS A 359 -21.20 -2.65 -12.96
CA LYS A 359 -21.21 -1.94 -14.21
C LYS A 359 -20.94 -0.46 -13.92
N LYS A 360 -21.78 0.17 -13.12
CA LYS A 360 -21.75 1.62 -12.83
C LYS A 360 -20.95 1.75 -11.52
N TRP A 361 -20.41 2.92 -11.31
CA TRP A 361 -19.84 3.32 -9.99
C TRP A 361 -20.93 3.12 -8.95
N PRO A 362 -20.70 2.25 -7.94
CA PRO A 362 -21.79 1.93 -7.03
C PRO A 362 -22.11 2.99 -6.02
N GLU A 363 -23.31 2.90 -5.48
N GLU A 363 -23.30 2.82 -5.45
CA GLU A 363 -23.78 3.84 -4.47
CA GLU A 363 -23.86 3.61 -4.35
C GLU A 363 -22.98 3.57 -3.15
C GLU A 363 -22.92 3.52 -3.13
N PRO A 364 -22.79 4.62 -2.31
CA PRO A 364 -22.00 4.50 -1.10
C PRO A 364 -22.49 3.42 -0.13
N ASN A 365 -21.54 2.79 0.52
CA ASN A 365 -21.71 2.04 1.76
C ASN A 365 -22.35 0.64 1.55
N LYS A 366 -21.96 0.01 0.43
CA LYS A 366 -22.28 -1.38 0.22
C LYS A 366 -21.16 -2.05 -0.58
N LEU A 367 -20.45 -2.96 0.07
CA LEU A 367 -19.32 -3.59 -0.57
C LEU A 367 -19.69 -4.40 -1.84
N VAL A 368 -18.99 -4.15 -2.93
CA VAL A 368 -18.97 -5.11 -4.09
C VAL A 368 -17.86 -6.09 -3.78
N LYS A 369 -18.25 -7.35 -3.58
CA LYS A 369 -17.45 -8.33 -2.90
C LYS A 369 -16.83 -9.37 -3.91
N SER A 370 -16.86 -9.05 -5.18
CA SER A 370 -16.24 -9.88 -6.17
C SER A 370 -14.70 -9.91 -5.99
N THR A 371 -14.03 -10.78 -6.73
CA THR A 371 -12.58 -10.90 -6.62
C THR A 371 -11.80 -9.54 -6.70
N ILE A 372 -12.22 -8.70 -7.63
CA ILE A 372 -11.95 -7.27 -7.57
C ILE A 372 -13.08 -6.68 -6.78
N GLY A 373 -12.76 -6.16 -5.60
CA GLY A 373 -13.73 -5.53 -4.76
C GLY A 373 -13.66 -4.02 -4.76
N TYR A 374 -14.79 -3.42 -4.52
CA TYR A 374 -14.94 -1.99 -4.45
C TYR A 374 -15.91 -1.55 -3.42
N HIS A 375 -15.54 -0.50 -2.65
CA HIS A 375 -16.42 0.10 -1.69
C HIS A 375 -16.23 1.62 -1.66
N LEU A 376 -17.34 2.33 -1.57
CA LEU A 376 -17.37 3.79 -1.51
C LEU A 376 -17.99 4.19 -0.15
N ARG A 377 -17.10 4.65 0.75
CA ARG A 377 -17.48 4.89 2.15
C ARG A 377 -17.84 6.37 2.35
N PRO A 378 -19.05 6.65 2.84
CA PRO A 378 -19.41 8.05 3.14
C PRO A 378 -18.45 8.75 4.12
N GLY A 379 -18.10 9.97 3.77
CA GLY A 379 -17.41 10.89 4.66
C GLY A 379 -15.99 11.14 4.15
N LYS A 380 -15.09 11.31 5.10
CA LYS A 380 -13.78 11.86 4.83
C LYS A 380 -12.73 10.85 4.52
N HIS A 381 -11.70 11.36 3.85
CA HIS A 381 -10.43 10.68 3.60
C HIS A 381 -9.88 10.26 4.98
N ASP A 382 -9.92 8.98 5.30
CA ASP A 382 -9.52 8.50 6.62
C ASP A 382 -9.63 6.98 6.59
N VAL A 383 -9.20 6.32 7.65
CA VAL A 383 -9.53 4.93 7.94
C VAL A 383 -10.41 4.91 9.20
N THR A 384 -11.61 4.35 9.09
CA THR A 384 -12.61 4.35 10.13
C THR A 384 -13.07 2.93 10.51
N ALA A 385 -13.87 2.84 11.58
CA ALA A 385 -14.46 1.59 12.02
C ALA A 385 -15.24 0.90 10.83
N ARG A 386 -16.00 1.70 10.11
CA ARG A 386 -16.72 1.20 8.89
C ARG A 386 -15.78 0.58 7.87
N ASP A 387 -14.61 1.22 7.61
CA ASP A 387 -13.68 0.67 6.66
C ASP A 387 -13.18 -0.70 7.09
N TRP A 388 -12.87 -0.83 8.40
CA TRP A 388 -12.48 -2.15 8.93
C TRP A 388 -13.60 -3.27 8.77
N ASP A 389 -14.84 -2.91 8.99
CA ASP A 389 -16.00 -3.80 8.76
C ASP A 389 -15.98 -4.26 7.32
N VAL A 390 -15.70 -3.30 6.41
CA VAL A 390 -15.54 -3.66 5.02
C VAL A 390 -14.34 -4.52 4.74
N TYR A 391 -13.19 -4.20 5.29
CA TYR A 391 -12.03 -5.02 5.10
C TYR A 391 -12.30 -6.49 5.53
N ILE A 392 -12.89 -6.61 6.69
CA ILE A 392 -13.15 -7.94 7.26
C ILE A 392 -14.26 -8.72 6.47
N GLU A 393 -15.31 -8.02 6.07
CA GLU A 393 -16.31 -8.61 5.17
C GLU A 393 -15.66 -9.16 3.87
N PHE A 394 -14.76 -8.44 3.25
CA PHE A 394 -14.01 -8.88 2.12
C PHE A 394 -13.08 -10.06 2.39
N ALA A 395 -12.31 -9.96 3.49
CA ALA A 395 -11.40 -11.00 3.91
C ALA A 395 -12.17 -12.30 4.28
N ASP A 396 -13.26 -12.16 4.99
CA ASP A 396 -14.12 -13.34 5.32
C ASP A 396 -14.63 -14.05 4.04
N HIS A 397 -14.93 -13.32 2.96
CA HIS A 397 -15.38 -13.90 1.72
C HIS A 397 -14.26 -14.56 0.93
N HIS A 398 -13.06 -13.99 0.90
CA HIS A 398 -11.98 -14.43 0.05
C HIS A 398 -10.86 -15.21 0.76
N MET A 399 -10.74 -15.06 2.09
CA MET A 399 -9.56 -15.52 2.89
C MET A 399 -9.93 -16.43 4.06
C1 GOL B . -1.91 11.18 -0.45
O1 GOL B . -2.66 10.04 -0.96
C2 GOL B . -1.34 12.23 -1.42
O2 GOL B . -1.52 11.89 -2.80
C3 GOL B . -1.76 13.63 -1.05
O3 GOL B . -1.48 14.68 -2.03
#